data_2F4X
#
_entry.id   2F4X
#
_entity_poly.entity_id   1
_entity_poly.type   'polyribonucleotide'
_entity_poly.pdbx_seq_one_letter_code
;GGUUGCUGAAGCGCGCACGGCAAC
;
_entity_poly.pdbx_strand_id   A,B
#